data_7A50
#
_entry.id   7A50
#
_cell.length_a   198.220
_cell.length_b   198.220
_cell.length_c   58.190
_cell.angle_alpha   90.000
_cell.angle_beta   90.000
_cell.angle_gamma   120.000
#
_symmetry.space_group_name_H-M   'H 3 2'
#
loop_
_entity.id
_entity.type
_entity.pdbx_description
1 polymer 'Nanobody Nb26'
2 polymer 'Coiled-coil APH'
3 non-polymer 1,2-ETHANEDIOL
4 water water
#
loop_
_entity_poly.entity_id
_entity_poly.type
_entity_poly.pdbx_seq_one_letter_code
_entity_poly.pdbx_strand_id
1 'polypeptide(L)'
;QVQLQESGGGLVQAGDSLRLSCAASGRTFSTYPMGWFRQAPGKEREFVAASSSRAYYADSVKGRFTISRNNAKNTVYLQM
NSLKPEDTAVYYCVADSSPYYRRYDAAQDYDYWGQGTQVTVSSGRYPYDVPDYGSGRA
;
A,C
2 'polypeptide(L)' (ACE)LEEELKQLEEELQAIEEQLAQLQWKAQARKEKLAQLKEKL(NH2) B,D
#
# COMPACT_ATOMS: atom_id res chain seq x y z
CA GLN A 1 -9.93 27.06 -0.06
C GLN A 1 -8.75 26.35 -0.72
N VAL A 2 -8.78 25.01 -0.74
CA VAL A 2 -7.68 24.26 -1.31
C VAL A 2 -7.66 24.44 -2.82
N GLN A 3 -6.49 24.72 -3.36
CA GLN A 3 -6.35 24.85 -4.80
C GLN A 3 -5.01 24.29 -5.23
N LEU A 4 -4.98 23.89 -6.49
CA LEU A 4 -3.76 23.62 -7.23
C LEU A 4 -3.93 24.52 -8.44
N GLN A 5 -3.08 25.51 -8.59
CA GLN A 5 -3.21 26.44 -9.70
C GLN A 5 -2.02 26.30 -10.63
N GLU A 6 -2.28 25.86 -11.84
CA GLU A 6 -1.28 25.74 -12.86
C GLU A 6 -1.13 27.07 -13.59
N SER A 7 0.10 27.37 -13.98
CA SER A 7 0.38 28.52 -14.82
C SER A 7 1.58 28.18 -15.70
N GLY A 8 1.76 28.95 -16.76
CA GLY A 8 2.87 28.77 -17.65
C GLY A 8 2.58 28.08 -18.97
N GLY A 9 1.33 27.70 -19.24
CA GLY A 9 0.98 27.14 -20.52
C GLY A 9 0.90 28.23 -21.59
N GLY A 10 0.49 27.83 -22.78
CA GLY A 10 0.30 28.78 -23.84
C GLY A 10 0.76 28.24 -25.18
N LEU A 11 0.93 29.14 -26.13
CA LEU A 11 1.31 28.80 -27.50
C LEU A 11 2.82 29.00 -27.69
N VAL A 12 3.49 27.98 -28.23
CA VAL A 12 4.93 28.03 -28.50
C VAL A 12 5.21 27.32 -29.83
N GLN A 13 6.40 27.56 -30.36
CA GLN A 13 6.81 26.92 -31.61
C GLN A 13 7.46 25.58 -31.32
N ALA A 14 7.37 24.67 -32.28
CA ALA A 14 8.03 23.39 -32.14
C ALA A 14 9.52 23.64 -31.91
N GLY A 15 10.07 22.96 -30.91
CA GLY A 15 11.43 23.14 -30.48
C GLY A 15 11.59 24.10 -29.32
N ASP A 16 10.59 24.93 -29.02
CA ASP A 16 10.69 25.87 -27.90
C ASP A 16 10.50 25.15 -26.57
N SER A 17 10.58 25.90 -25.48
CA SER A 17 10.36 25.35 -24.16
C SER A 17 9.24 26.12 -23.46
N LEU A 18 8.76 25.52 -22.38
CA LEU A 18 7.73 26.09 -21.51
C LEU A 18 7.98 25.51 -20.14
N ARG A 19 7.69 26.32 -19.12
CA ARG A 19 7.81 25.85 -17.74
C ARG A 19 6.43 25.95 -17.11
N LEU A 20 5.86 24.81 -16.75
CA LEU A 20 4.60 24.80 -16.04
C LEU A 20 4.89 24.85 -14.55
N SER A 21 4.08 25.61 -13.84
CA SER A 21 4.19 25.76 -12.40
C SER A 21 2.86 25.31 -11.82
N CYS A 22 2.90 24.68 -10.66
CA CYS A 22 1.68 24.30 -9.99
C CYS A 22 1.78 24.80 -8.56
N ALA A 23 1.05 25.88 -8.28
CA ALA A 23 1.05 26.49 -6.97
C ALA A 23 -0.02 25.79 -6.17
N ALA A 24 0.41 25.06 -5.15
CA ALA A 24 -0.50 24.37 -4.26
C ALA A 24 -0.83 25.32 -3.10
N SER A 25 -2.11 25.60 -2.89
CA SER A 25 -2.50 26.61 -1.91
C SER A 25 -3.52 26.06 -0.91
N GLY A 26 -3.45 24.78 -0.69
CA GLY A 26 -4.29 24.22 0.31
C GLY A 26 -3.48 24.45 1.58
N ARG A 27 -2.72 23.42 1.92
CA ARG A 27 -1.80 23.39 3.03
C ARG A 27 -0.94 22.14 2.90
N THR A 28 0.23 22.12 3.54
CA THR A 28 1.00 20.88 3.73
C THR A 28 1.21 20.03 2.52
N PHE A 29 1.50 20.63 1.38
CA PHE A 29 1.72 19.84 0.17
C PHE A 29 3.07 19.24 0.12
N SER A 30 3.96 19.61 1.00
CA SER A 30 5.31 19.12 1.12
C SER A 30 5.39 17.65 1.40
N THR A 31 4.42 17.10 2.07
CA THR A 31 4.37 15.69 2.32
C THR A 31 3.67 14.96 1.19
N TYR A 32 3.23 15.62 0.14
CA TYR A 32 2.57 14.90 -0.92
C TYR A 32 3.32 14.71 -2.22
N PRO A 33 3.18 13.52 -2.84
CA PRO A 33 3.72 13.33 -4.15
C PRO A 33 2.92 14.16 -5.10
N MET A 34 3.55 14.68 -6.12
CA MET A 34 2.91 15.58 -7.06
C MET A 34 3.36 15.23 -8.45
N GLY A 35 2.52 15.55 -9.43
CA GLY A 35 2.84 15.18 -10.78
C GLY A 35 1.97 15.92 -11.78
N TRP A 36 2.06 15.46 -13.02
CA TRP A 36 1.33 16.05 -14.13
C TRP A 36 0.75 14.95 -14.99
N PHE A 37 -0.49 15.13 -15.41
CA PHE A 37 -1.11 14.33 -16.47
C PHE A 37 -1.49 15.28 -17.59
N ARG A 38 -1.73 14.72 -18.79
CA ARG A 38 -2.17 15.55 -19.91
C ARG A 38 -3.25 14.81 -20.69
N GLN A 39 -4.18 15.59 -21.26
CA GLN A 39 -5.24 15.04 -22.08
C GLN A 39 -5.22 15.72 -23.44
N ALA A 40 -4.91 14.95 -24.48
CA ALA A 40 -4.88 15.49 -25.82
C ALA A 40 -6.28 15.48 -26.40
N PRO A 41 -6.53 16.32 -27.42
CA PRO A 41 -7.87 16.34 -28.04
C PRO A 41 -8.39 14.95 -28.39
N GLY A 42 -9.54 14.60 -27.82
CA GLY A 42 -10.19 13.32 -28.09
C GLY A 42 -9.47 12.10 -27.58
N LYS A 43 -8.45 12.25 -26.75
CA LYS A 43 -7.72 11.14 -26.15
C LYS A 43 -7.95 11.14 -24.64
N GLU A 44 -7.50 10.07 -23.99
CA GLU A 44 -7.65 9.96 -22.54
C GLU A 44 -6.51 10.67 -21.81
N ARG A 45 -6.74 10.89 -20.51
CA ARG A 45 -5.72 11.49 -19.66
C ARG A 45 -4.53 10.57 -19.52
N GLU A 46 -3.34 11.10 -19.80
CA GLU A 46 -2.10 10.35 -19.88
C GLU A 46 -1.11 10.85 -18.83
N PHE A 47 -0.41 9.92 -18.18
CA PHE A 47 0.62 10.27 -17.21
C PHE A 47 1.80 10.95 -17.91
N VAL A 48 2.35 11.99 -17.27
CA VAL A 48 3.48 12.71 -17.84
C VAL A 48 4.70 12.56 -16.94
N ALA A 49 4.57 12.95 -15.66
CA ALA A 49 5.70 12.97 -14.75
C ALA A 49 5.18 12.99 -13.32
N ALA A 50 5.99 12.49 -12.38
CA ALA A 50 5.66 12.55 -10.96
C ALA A 50 6.92 12.71 -10.14
N SER A 51 6.76 13.26 -8.94
CA SER A 51 7.87 13.51 -8.02
C SER A 51 7.52 13.05 -6.61
N SER A 52 8.33 12.14 -6.05
CA SER A 52 8.21 11.79 -4.65
C SER A 52 9.60 11.47 -4.10
N SER A 53 9.93 10.19 -3.88
CA SER A 53 11.32 9.85 -3.54
C SER A 53 12.27 10.09 -4.70
N ARG A 54 11.73 10.16 -5.91
CA ARG A 54 12.49 10.35 -7.13
C ARG A 54 11.52 10.87 -8.18
N ALA A 55 12.04 11.16 -9.36
CA ALA A 55 11.23 11.59 -10.47
C ALA A 55 10.87 10.39 -11.33
N TYR A 56 9.65 10.39 -11.86
CA TYR A 56 9.16 9.39 -12.80
C TYR A 56 8.67 10.10 -14.06
N TYR A 57 8.88 9.47 -15.21
CA TYR A 57 8.53 10.09 -16.48
C TYR A 57 7.89 9.07 -17.41
N ALA A 58 6.84 9.48 -18.12
CA ALA A 58 6.37 8.68 -19.23
C ALA A 58 7.46 8.57 -20.30
N ASP A 59 7.53 7.42 -20.97
CA ASP A 59 8.57 7.20 -21.96
C ASP A 59 8.61 8.29 -23.03
N SER A 60 7.45 8.82 -23.43
CA SER A 60 7.39 9.82 -24.49
C SER A 60 8.01 11.16 -24.11
N VAL A 61 8.31 11.42 -22.84
CA VAL A 61 8.88 12.71 -22.45
C VAL A 61 10.25 12.61 -21.82
N LYS A 62 10.78 11.40 -21.69
CA LYS A 62 12.11 11.22 -21.09
C LYS A 62 13.17 11.97 -21.88
N GLY A 63 14.01 12.72 -21.17
CA GLY A 63 15.09 13.48 -21.80
C GLY A 63 14.66 14.83 -22.32
N ARG A 64 13.37 15.13 -22.32
CA ARG A 64 12.84 16.42 -22.71
C ARG A 64 12.15 17.17 -21.57
N PHE A 65 11.43 16.47 -20.70
CA PHE A 65 10.73 17.09 -19.59
C PHE A 65 11.47 16.77 -18.30
N THR A 66 11.48 17.74 -17.39
CA THR A 66 12.09 17.54 -16.08
C THR A 66 11.11 18.06 -15.05
N ILE A 67 10.80 17.23 -14.05
CA ILE A 67 9.91 17.65 -12.96
C ILE A 67 10.80 18.00 -11.77
N SER A 68 10.45 19.08 -11.08
CA SER A 68 11.20 19.49 -9.90
C SER A 68 10.22 20.14 -8.94
N ARG A 69 10.68 20.35 -7.71
CA ARG A 69 9.81 20.89 -6.68
C ARG A 69 10.54 21.94 -5.84
N ASN A 70 9.80 22.97 -5.40
CA ASN A 70 10.27 23.90 -4.38
C ASN A 70 9.26 23.93 -3.23
N ASN A 71 9.58 23.21 -2.14
CA ASN A 71 8.70 23.15 -0.97
C ASN A 71 8.45 24.52 -0.34
N ALA A 72 9.49 25.36 -0.25
CA ALA A 72 9.33 26.66 0.40
C ALA A 72 8.18 27.45 -0.21
N LYS A 73 8.05 27.44 -1.54
CA LYS A 73 6.95 28.11 -2.22
C LYS A 73 5.74 27.20 -2.43
N ASN A 74 5.80 25.94 -2.00
CA ASN A 74 4.70 24.96 -2.15
C ASN A 74 4.32 24.79 -3.62
N THR A 75 5.35 24.62 -4.46
CA THR A 75 5.16 24.54 -5.89
C THR A 75 5.89 23.32 -6.47
N VAL A 76 5.38 22.82 -7.58
CA VAL A 76 6.04 21.79 -8.37
C VAL A 76 6.10 22.31 -9.78
N TYR A 77 7.16 22.00 -10.50
CA TYR A 77 7.40 22.56 -11.82
C TYR A 77 7.59 21.45 -12.84
N LEU A 78 7.19 21.73 -14.08
CA LEU A 78 7.43 20.84 -15.20
C LEU A 78 8.12 21.67 -16.27
N GLN A 79 9.42 21.46 -16.41
CA GLN A 79 10.21 22.13 -17.43
C GLN A 79 10.12 21.32 -18.70
N MET A 80 9.56 21.90 -19.76
CA MET A 80 9.30 21.16 -20.98
C MET A 80 10.20 21.72 -22.07
N ASN A 81 11.11 20.90 -22.57
CA ASN A 81 12.02 21.30 -23.62
C ASN A 81 11.76 20.51 -24.89
N SER A 82 12.24 21.05 -26.01
CA SER A 82 12.15 20.38 -27.31
C SER A 82 10.72 19.95 -27.59
N LEU A 83 9.81 20.90 -27.43
CA LEU A 83 8.39 20.62 -27.54
C LEU A 83 7.99 20.24 -28.96
N LYS A 84 7.07 19.29 -29.06
CA LYS A 84 6.56 18.79 -30.33
C LYS A 84 5.07 19.08 -30.42
N PRO A 85 4.51 19.12 -31.64
CA PRO A 85 3.04 19.24 -31.76
C PRO A 85 2.30 18.12 -31.05
N GLU A 86 2.89 16.93 -30.97
CA GLU A 86 2.28 15.82 -30.25
C GLU A 86 2.17 16.09 -28.75
N ASP A 87 2.88 17.09 -28.22
CA ASP A 87 2.74 17.49 -26.82
C ASP A 87 1.58 18.44 -26.56
N THR A 88 0.89 18.91 -27.60
CA THR A 88 -0.27 19.77 -27.40
C THR A 88 -1.35 19.03 -26.62
N ALA A 89 -1.77 19.62 -25.51
CA ALA A 89 -2.78 19.02 -24.65
C ALA A 89 -3.09 19.98 -23.51
N VAL A 90 -4.12 19.64 -22.76
CA VAL A 90 -4.37 20.25 -21.46
C VAL A 90 -3.56 19.47 -20.45
N TYR A 91 -2.76 20.19 -19.66
CA TYR A 91 -1.88 19.59 -18.66
C TYR A 91 -2.44 19.84 -17.27
N TYR A 92 -2.61 18.77 -16.48
CA TYR A 92 -3.22 18.82 -15.15
C TYR A 92 -2.20 18.52 -14.07
N CYS A 93 -2.09 19.40 -13.09
CA CYS A 93 -1.31 19.12 -11.89
C CYS A 93 -2.08 18.19 -10.98
N VAL A 94 -1.39 17.22 -10.40
N VAL A 94 -1.39 17.22 -10.40
CA VAL A 94 -2.01 16.25 -9.49
CA VAL A 94 -2.01 16.25 -9.49
C VAL A 94 -1.20 16.17 -8.21
C VAL A 94 -1.20 16.17 -8.21
N ALA A 95 -1.88 15.82 -7.11
CA ALA A 95 -1.25 15.58 -5.82
C ALA A 95 -1.88 14.37 -5.14
N ASP A 96 -1.08 13.67 -4.35
CA ASP A 96 -1.52 12.46 -3.64
C ASP A 96 -1.49 12.70 -2.14
N SER A 97 -2.65 12.86 -1.51
CA SER A 97 -2.66 13.17 -0.09
C SER A 97 -2.66 11.94 0.80
N SER A 98 -2.63 10.74 0.24
CA SER A 98 -2.84 9.55 1.06
C SER A 98 -1.55 9.16 1.79
N PRO A 99 -1.65 8.73 3.05
CA PRO A 99 -0.52 8.06 3.70
C PRO A 99 -0.36 6.59 3.34
N TYR A 100 -1.21 6.05 2.47
CA TYR A 100 -1.08 4.69 1.99
C TYR A 100 -0.43 4.70 0.62
N TYR A 101 -0.02 3.51 0.16
CA TYR A 101 0.67 3.43 -1.12
C TYR A 101 -0.28 3.84 -2.24
N ARG A 102 0.24 4.62 -3.19
CA ARG A 102 -0.49 5.04 -4.38
C ARG A 102 0.45 4.91 -5.57
N ARG A 103 -0.11 4.43 -6.70
CA ARG A 103 0.68 4.18 -7.92
C ARG A 103 0.92 5.49 -8.67
N TYR A 104 2.19 5.82 -8.93
CA TYR A 104 2.54 7.15 -9.42
C TYR A 104 1.95 7.46 -10.80
N ASP A 105 1.68 6.44 -11.64
CA ASP A 105 1.20 6.67 -13.00
C ASP A 105 -0.28 6.34 -13.18
N ALA A 106 -1.05 6.21 -12.09
CA ALA A 106 -2.48 5.91 -12.18
C ALA A 106 -3.29 7.16 -11.82
N ALA A 107 -4.06 7.66 -12.79
CA ALA A 107 -4.78 8.90 -12.59
C ALA A 107 -5.73 8.83 -11.39
N GLN A 108 -6.34 7.66 -11.17
CA GLN A 108 -7.32 7.52 -10.09
C GLN A 108 -6.68 7.44 -8.70
N ASP A 109 -5.36 7.31 -8.60
CA ASP A 109 -4.69 7.26 -7.30
C ASP A 109 -4.27 8.64 -6.79
N TYR A 110 -4.47 9.71 -7.56
CA TYR A 110 -4.25 11.07 -7.10
C TYR A 110 -5.59 11.64 -6.71
N ASP A 111 -5.69 12.17 -5.50
CA ASP A 111 -6.98 12.65 -5.04
C ASP A 111 -7.17 14.14 -5.27
N TYR A 112 -6.14 14.91 -5.61
CA TYR A 112 -6.29 16.33 -5.90
C TYR A 112 -5.91 16.60 -7.35
N TRP A 113 -6.76 17.35 -8.07
CA TRP A 113 -6.54 17.65 -9.47
C TRP A 113 -6.69 19.14 -9.72
N GLY A 114 -5.73 19.73 -10.42
CA GLY A 114 -5.89 21.10 -10.85
C GLY A 114 -6.94 21.22 -11.96
N GLN A 115 -7.24 22.48 -12.32
CA GLN A 115 -8.22 22.72 -13.37
C GLN A 115 -7.65 22.53 -14.77
N GLY A 116 -6.34 22.61 -14.92
CA GLY A 116 -5.66 22.33 -16.17
C GLY A 116 -5.25 23.59 -16.90
N THR A 117 -4.11 23.50 -17.60
CA THR A 117 -3.63 24.60 -18.41
C THR A 117 -3.34 24.09 -19.81
N GLN A 118 -3.69 24.89 -20.82
CA GLN A 118 -3.53 24.49 -22.21
C GLN A 118 -2.11 24.75 -22.68
N VAL A 119 -1.52 23.77 -23.34
CA VAL A 119 -0.22 23.90 -23.99
C VAL A 119 -0.42 23.56 -25.46
N THR A 120 -0.07 24.50 -26.35
CA THR A 120 -0.23 24.34 -27.78
C THR A 120 1.11 24.62 -28.44
N VAL A 121 1.59 23.66 -29.23
CA VAL A 121 2.89 23.71 -29.89
C VAL A 121 2.66 23.70 -31.40
N SER A 122 2.95 24.83 -32.06
CA SER A 122 2.74 24.91 -33.51
C SER A 122 3.84 24.15 -34.25
N SER A 123 3.45 23.51 -35.36
CA SER A 123 4.41 22.73 -36.13
C SER A 123 5.40 23.64 -36.86
N GLY A 124 6.60 23.11 -37.08
CA GLY A 124 7.64 23.86 -37.77
C GLY A 124 7.31 24.21 -39.21
N ARG A 125 6.32 23.55 -39.80
CA ARG A 125 5.83 23.87 -41.14
C ARG A 125 4.59 24.74 -40.97
N TYR A 126 4.69 26.02 -41.36
CA TYR A 126 3.62 26.98 -41.18
C TYR A 126 3.02 27.40 -42.53
N PRO A 127 1.68 27.46 -42.65
CA PRO A 127 1.01 27.97 -43.85
C PRO A 127 0.48 29.41 -43.68
N LEU B 2 9.33 -24.28 -10.65
CA LEU B 2 10.32 -23.43 -9.98
C LEU B 2 10.60 -22.15 -10.76
N GLU B 3 10.64 -22.22 -12.10
CA GLU B 3 10.96 -21.02 -12.87
C GLU B 3 9.85 -19.98 -12.71
N GLU B 4 8.59 -20.42 -12.67
CA GLU B 4 7.50 -19.49 -12.44
C GLU B 4 7.54 -18.92 -11.03
N GLU B 5 7.88 -19.75 -10.03
CA GLU B 5 8.01 -19.25 -8.67
C GLU B 5 9.07 -18.15 -8.60
N LEU B 6 10.21 -18.37 -9.26
CA LEU B 6 11.29 -17.38 -9.32
C LEU B 6 10.81 -16.06 -9.89
N LYS B 7 10.14 -16.11 -11.05
CA LYS B 7 9.66 -14.88 -11.68
C LYS B 7 8.69 -14.13 -10.79
N GLN B 8 7.74 -14.83 -10.15
CA GLN B 8 6.74 -14.15 -9.34
C GLN B 8 7.37 -13.57 -8.07
N LEU B 9 8.29 -14.32 -7.45
CA LEU B 9 9.02 -13.77 -6.32
C LEU B 9 9.73 -12.47 -6.69
N GLU B 10 10.38 -12.44 -7.86
CA GLU B 10 11.09 -11.22 -8.26
C GLU B 10 10.11 -10.09 -8.56
N GLU B 11 8.96 -10.41 -9.18
CA GLU B 11 7.97 -9.34 -9.42
C GLU B 11 7.41 -8.81 -8.12
N GLU B 12 7.15 -9.70 -7.17
CA GLU B 12 6.62 -9.27 -5.87
C GLU B 12 7.63 -8.42 -5.14
N LEU B 13 8.89 -8.85 -5.11
CA LEU B 13 9.93 -8.06 -4.46
C LEU B 13 10.07 -6.67 -5.10
N GLN B 14 9.96 -6.59 -6.42
CA GLN B 14 10.04 -5.28 -7.05
C GLN B 14 8.86 -4.39 -6.63
N ALA B 15 7.65 -4.95 -6.58
CA ALA B 15 6.49 -4.19 -6.12
C ALA B 15 6.64 -3.75 -4.66
N ILE B 16 7.20 -4.62 -3.83
CA ILE B 16 7.41 -4.24 -2.44
C ILE B 16 8.44 -3.13 -2.34
N GLU B 17 9.51 -3.20 -3.15
CA GLU B 17 10.52 -2.15 -3.12
C GLU B 17 9.97 -0.79 -3.57
N GLU B 18 9.08 -0.77 -4.58
CA GLU B 18 8.45 0.49 -4.99
C GLU B 18 7.53 1.05 -3.89
N GLN B 19 6.80 0.18 -3.18
CA GLN B 19 5.97 0.63 -2.06
C GLN B 19 6.84 1.20 -0.95
N LEU B 20 7.89 0.48 -0.56
CA LEU B 20 8.77 0.94 0.50
C LEU B 20 9.41 2.27 0.18
N ALA B 21 9.86 2.45 -1.08
CA ALA B 21 10.46 3.71 -1.47
C ALA B 21 9.49 4.86 -1.26
N GLN B 22 8.24 4.69 -1.68
CA GLN B 22 7.27 5.77 -1.55
C GLN B 22 6.88 5.99 -0.09
N LEU B 23 6.59 4.89 0.64
CA LEU B 23 6.13 5.02 2.02
C LEU B 23 7.20 5.64 2.90
N GLN B 24 8.47 5.30 2.66
CA GLN B 24 9.55 5.90 3.45
C GLN B 24 9.71 7.39 3.16
N TRP B 25 9.55 7.80 1.89
CA TRP B 25 9.60 9.22 1.57
C TRP B 25 8.42 9.95 2.23
N LYS B 26 7.23 9.35 2.17
CA LYS B 26 6.06 9.92 2.82
C LYS B 26 6.28 10.10 4.32
N ALA B 27 6.89 9.09 4.96
CA ALA B 27 7.17 9.18 6.39
C ALA B 27 8.20 10.26 6.68
N GLN B 28 9.29 10.30 5.91
CA GLN B 28 10.32 11.31 6.15
C GLN B 28 9.76 12.72 6.00
N ALA B 29 8.95 12.95 4.97
CA ALA B 29 8.36 14.28 4.77
C ALA B 29 7.47 14.65 5.95
N ARG B 30 6.73 13.69 6.49
CA ARG B 30 5.86 13.97 7.63
C ARG B 30 6.66 14.21 8.90
N LYS B 31 7.80 13.53 9.07
CA LYS B 31 8.65 13.78 10.23
C LYS B 31 9.24 15.18 10.21
N GLU B 32 9.51 15.67 9.02
CA GLU B 32 10.05 16.98 8.83
C GLU B 32 8.99 17.99 9.19
N LYS B 33 7.79 17.81 8.72
CA LYS B 33 6.72 18.68 9.04
C LYS B 33 6.42 18.63 10.50
N LEU B 34 6.45 17.48 11.10
CA LEU B 34 6.21 17.33 12.48
C LEU B 34 7.17 18.12 13.32
N ALA B 35 8.44 18.05 13.04
CA ALA B 35 9.40 18.82 13.83
C ALA B 35 9.12 20.31 13.71
N GLN B 36 8.79 20.79 12.50
CA GLN B 36 8.45 22.18 12.30
C GLN B 36 7.20 22.55 13.11
N LEU B 37 6.17 21.70 13.06
CA LEU B 37 4.96 21.99 13.81
C LEU B 37 5.25 22.01 15.32
N LYS B 38 6.05 21.07 15.81
CA LYS B 38 6.40 21.07 17.22
C LYS B 38 7.18 22.33 17.59
N GLU B 39 8.04 22.83 16.69
CA GLU B 39 8.74 24.07 16.96
C GLU B 39 7.77 25.26 17.01
N LYS B 40 6.80 25.32 16.08
CA LYS B 40 5.79 26.37 16.12
C LYS B 40 5.01 26.35 17.42
N LEU B 41 4.64 25.15 17.88
CA LEU B 41 3.84 25.01 19.09
C LEU B 41 4.69 25.16 20.34
N GLN C 1 -7.56 -26.51 -6.18
CA GLN C 1 -6.29 -25.78 -6.28
C GLN C 1 -5.74 -25.49 -4.88
N VAL C 2 -5.52 -24.22 -4.58
CA VAL C 2 -4.95 -23.82 -3.30
C VAL C 2 -6.03 -23.94 -2.21
N GLN C 3 -5.68 -24.56 -1.08
CA GLN C 3 -6.63 -24.53 0.03
C GLN C 3 -5.93 -24.55 1.39
N LEU C 4 -6.72 -24.20 2.40
CA LEU C 4 -6.35 -24.23 3.81
C LEU C 4 -7.32 -25.16 4.53
N GLN C 5 -6.80 -26.21 5.17
CA GLN C 5 -7.67 -27.20 5.80
C GLN C 5 -7.45 -27.22 7.31
N GLU C 6 -8.49 -26.86 8.07
CA GLU C 6 -8.44 -26.84 9.52
C GLU C 6 -8.79 -28.21 10.09
N SER C 7 -8.20 -28.54 11.24
CA SER C 7 -8.57 -29.72 12.02
C SER C 7 -8.36 -29.41 13.49
N GLY C 8 -8.90 -30.27 14.35
CA GLY C 8 -8.70 -30.15 15.76
C GLY C 8 -9.85 -29.55 16.54
N GLY C 9 -10.94 -29.18 15.89
CA GLY C 9 -12.10 -28.69 16.60
C GLY C 9 -12.83 -29.82 17.32
N GLY C 10 -13.95 -29.48 17.91
CA GLY C 10 -14.80 -30.43 18.58
C GLY C 10 -15.41 -29.84 19.81
N LEU C 11 -15.97 -30.72 20.65
CA LEU C 11 -16.69 -30.35 21.86
C LEU C 11 -15.75 -30.42 23.04
N VAL C 12 -15.75 -29.37 23.85
CA VAL C 12 -14.84 -29.26 24.97
C VAL C 12 -15.58 -28.64 26.15
N GLN C 13 -15.05 -28.87 27.35
CA GLN C 13 -15.64 -28.29 28.56
C GLN C 13 -14.93 -27.00 28.93
N ALA C 14 -15.66 -26.11 29.60
CA ALA C 14 -15.09 -24.85 30.05
C ALA C 14 -13.87 -25.07 30.94
N GLY C 15 -12.82 -24.29 30.69
CA GLY C 15 -11.56 -24.42 31.40
C GLY C 15 -10.50 -25.25 30.69
N ASP C 16 -10.88 -26.01 29.67
CA ASP C 16 -9.96 -26.89 28.99
C ASP C 16 -9.02 -26.12 28.06
N SER C 17 -8.14 -26.87 27.40
CA SER C 17 -7.29 -26.36 26.34
C SER C 17 -7.58 -27.15 25.08
N LEU C 18 -7.23 -26.57 23.94
CA LEU C 18 -7.44 -27.20 22.65
C LEU C 18 -6.45 -26.56 21.68
N ARG C 19 -5.97 -27.34 20.71
CA ARG C 19 -5.04 -26.85 19.70
C ARG C 19 -5.62 -27.09 18.31
N LEU C 20 -5.83 -26.02 17.54
CA LEU C 20 -6.28 -26.10 16.16
C LEU C 20 -5.10 -26.09 15.20
N SER C 21 -5.21 -26.88 14.13
CA SER C 21 -4.20 -26.95 13.08
C SER C 21 -4.80 -26.56 11.74
N CYS C 22 -3.97 -25.95 10.91
CA CYS C 22 -4.38 -25.54 9.57
C CYS C 22 -3.25 -25.85 8.59
N ALA C 23 -3.46 -26.82 7.71
CA ALA C 23 -2.48 -27.17 6.69
C ALA C 23 -2.75 -26.37 5.42
N ALA C 24 -1.78 -25.56 4.98
CA ALA C 24 -1.86 -24.87 3.69
C ALA C 24 -1.23 -25.78 2.63
N SER C 25 -1.98 -26.08 1.57
CA SER C 25 -1.52 -27.07 0.58
C SER C 25 -1.59 -26.56 -0.86
N GLY C 26 -1.57 -25.26 -1.07
CA GLY C 26 -1.54 -24.71 -2.42
C GLY C 26 -0.15 -24.55 -3.02
N ARG C 27 0.71 -23.86 -2.30
CA ARG C 27 2.04 -23.47 -2.71
C ARG C 27 2.81 -23.14 -1.45
N THR C 28 3.98 -22.50 -1.58
CA THR C 28 4.65 -21.98 -0.40
C THR C 28 3.78 -20.91 0.26
N PHE C 29 3.71 -20.96 1.60
CA PHE C 29 3.01 -19.97 2.41
C PHE C 29 3.91 -19.25 3.39
N SER C 30 5.21 -19.56 3.40
CA SER C 30 6.11 -18.90 4.34
C SER C 30 6.24 -17.40 4.06
N THR C 31 5.92 -16.93 2.87
CA THR C 31 5.97 -15.50 2.66
C THR C 31 4.64 -14.84 2.94
N TYR C 32 3.67 -15.59 3.43
CA TYR C 32 2.37 -14.97 3.62
C TYR C 32 2.06 -14.80 5.11
N PRO C 33 1.51 -13.65 5.52
CA PRO C 33 0.87 -13.61 6.86
C PRO C 33 -0.24 -14.64 6.94
N MET C 34 -0.37 -15.26 8.12
CA MET C 34 -1.41 -16.26 8.35
C MET C 34 -2.07 -15.96 9.68
N GLY C 35 -3.31 -16.41 9.83
CA GLY C 35 -4.03 -16.08 11.03
C GLY C 35 -5.31 -16.88 11.20
N TRP C 36 -6.10 -16.46 12.18
CA TRP C 36 -7.36 -17.12 12.54
C TRP C 36 -8.46 -16.10 12.77
N PHE C 37 -9.62 -16.46 12.30
CA PHE C 37 -10.80 -15.71 12.51
C PHE C 37 -11.84 -16.66 13.09
N ARG C 38 -12.87 -16.11 13.68
CA ARG C 38 -13.93 -16.93 14.21
C ARG C 38 -15.27 -16.34 14.06
N GLN C 39 -16.26 -17.19 13.91
CA GLN C 39 -17.62 -16.70 13.85
C GLN C 39 -18.49 -17.40 14.86
N ALA C 40 -18.97 -16.65 15.81
CA ALA C 40 -19.82 -17.22 16.81
C ALA C 40 -21.25 -17.08 16.38
N PRO C 41 -22.16 -17.70 17.09
CA PRO C 41 -23.56 -17.65 16.72
C PRO C 41 -24.08 -16.25 16.65
N GLY C 42 -24.67 -15.93 15.52
CA GLY C 42 -25.22 -14.63 15.30
C GLY C 42 -24.28 -13.46 15.39
N LYS C 43 -23.06 -13.65 15.00
CA LYS C 43 -22.06 -12.63 15.03
C LYS C 43 -21.31 -12.64 13.74
N GLU C 44 -20.57 -11.59 13.49
CA GLU C 44 -19.74 -11.52 12.30
C GLU C 44 -18.42 -12.22 12.51
N ARG C 45 -17.71 -12.51 11.44
CA ARG C 45 -16.43 -13.13 11.58
C ARG C 45 -15.56 -12.16 12.30
N GLU C 46 -14.85 -12.62 13.28
CA GLU C 46 -14.04 -11.71 14.02
C GLU C 46 -12.62 -12.16 14.14
N PHE C 47 -11.72 -11.22 14.19
CA PHE C 47 -10.32 -11.46 14.26
C PHE C 47 -9.94 -12.11 15.52
N VAL C 48 -9.10 -13.13 15.47
CA VAL C 48 -8.59 -13.83 16.64
C VAL C 48 -7.08 -13.62 16.80
N ALA C 49 -6.31 -13.95 15.78
CA ALA C 49 -4.86 -13.89 15.86
C ALA C 49 -4.28 -13.88 14.46
N ALA C 50 -3.09 -13.31 14.33
CA ALA C 50 -2.38 -13.29 13.07
C ALA C 50 -0.90 -13.37 13.38
N SER C 51 -0.13 -13.90 12.42
CA SER C 51 1.31 -14.07 12.55
C SER C 51 1.98 -13.53 11.29
N SER C 52 2.90 -12.58 11.45
CA SER C 52 3.72 -12.09 10.33
C SER C 52 5.09 -11.69 10.84
N SER C 53 5.37 -10.39 10.89
CA SER C 53 6.57 -9.94 11.60
C SER C 53 6.47 -10.24 13.09
N ARG C 54 5.26 -10.46 13.60
CA ARG C 54 5.03 -10.72 15.01
C ARG C 54 3.66 -11.35 15.12
N ALA C 55 3.28 -11.70 16.34
CA ALA C 55 1.96 -12.23 16.62
C ALA C 55 1.04 -11.11 17.06
N TYR C 56 -0.21 -11.15 16.59
CA TYR C 56 -1.23 -10.20 17.03
C TYR C 56 -2.42 -10.98 17.55
N TYR C 57 -3.09 -10.41 18.56
CA TYR C 57 -4.19 -11.10 19.21
C TYR C 57 -5.32 -10.10 19.47
N ALA C 58 -6.56 -10.55 19.23
CA ALA C 58 -7.71 -9.78 19.70
C ALA C 58 -7.69 -9.68 21.22
N ASP C 59 -8.18 -8.57 21.75
CA ASP C 59 -8.21 -8.38 23.20
C ASP C 59 -8.94 -9.52 23.90
N SER C 60 -9.98 -10.07 23.26
CA SER C 60 -10.77 -11.11 23.91
C SER C 60 -10.03 -12.42 24.11
N VAL C 61 -8.87 -12.63 23.48
CA VAL C 61 -8.13 -13.89 23.64
C VAL C 61 -6.70 -13.68 24.14
N LYS C 62 -6.25 -12.43 24.36
CA LYS C 62 -4.88 -12.17 24.78
C LYS C 62 -4.54 -12.87 26.09
N GLY C 63 -3.40 -13.56 26.12
CA GLY C 63 -3.04 -14.20 27.36
C GLY C 63 -3.67 -15.55 27.59
N ARG C 64 -4.61 -15.97 26.73
CA ARG C 64 -5.14 -17.33 26.76
C ARG C 64 -4.76 -18.12 25.51
N PHE C 65 -4.69 -17.48 24.35
CA PHE C 65 -4.40 -18.13 23.07
C PHE C 65 -3.01 -17.76 22.53
N THR C 66 -2.41 -18.69 21.80
CA THR C 66 -1.13 -18.48 21.13
C THR C 66 -1.22 -18.95 19.69
N ILE C 67 -0.74 -18.13 18.75
CA ILE C 67 -0.64 -18.51 17.35
C ILE C 67 0.81 -18.89 17.04
N SER C 68 1.00 -19.96 16.28
CA SER C 68 2.34 -20.35 15.88
C SER C 68 2.28 -20.94 14.47
N ARG C 69 3.46 -21.10 13.89
CA ARG C 69 3.61 -21.58 12.52
C ARG C 69 4.69 -22.64 12.46
N ASN C 70 4.50 -23.61 11.58
CA ASN C 70 5.58 -24.52 11.19
C ASN C 70 5.75 -24.27 9.69
N ASN C 71 6.76 -23.47 9.36
CA ASN C 71 6.99 -23.08 7.97
C ASN C 71 7.29 -24.28 7.09
N ALA C 72 8.17 -25.15 7.56
CA ALA C 72 8.53 -26.35 6.80
C ALA C 72 7.30 -27.18 6.44
N LYS C 73 6.36 -27.31 7.37
CA LYS C 73 5.15 -28.08 7.13
C LYS C 73 4.04 -27.26 6.50
N ASN C 74 4.25 -25.96 6.27
CA ASN C 74 3.24 -25.11 5.66
C ASN C 74 1.95 -25.06 6.52
N THR C 75 2.11 -24.95 7.84
CA THR C 75 0.97 -25.02 8.77
C THR C 75 0.98 -23.87 9.76
N VAL C 76 -0.21 -23.54 10.24
CA VAL C 76 -0.36 -22.56 11.30
C VAL C 76 -1.29 -23.16 12.35
N TYR C 77 -1.04 -22.80 13.61
CA TYR C 77 -1.72 -23.41 14.75
C TYR C 77 -2.31 -22.34 15.64
N LEU C 78 -3.39 -22.70 16.34
CA LEU C 78 -3.99 -21.83 17.35
C LEU C 78 -4.10 -22.66 18.64
N GLN C 79 -3.21 -22.37 19.58
CA GLN C 79 -3.22 -23.02 20.90
C GLN C 79 -4.15 -22.24 21.82
N MET C 80 -5.18 -22.92 22.33
CA MET C 80 -6.23 -22.32 23.14
C MET C 80 -6.20 -22.88 24.55
N ASN C 81 -6.18 -21.98 25.55
CA ASN C 81 -6.25 -22.30 26.97
C ASN C 81 -7.41 -21.57 27.65
N SER C 82 -7.82 -22.09 28.80
CA SER C 82 -8.84 -21.46 29.65
C SER C 82 -10.11 -21.14 28.88
N LEU C 83 -10.60 -22.13 28.12
CA LEU C 83 -11.71 -21.92 27.20
C LEU C 83 -13.00 -21.58 27.94
N LYS C 84 -13.78 -20.67 27.36
CA LYS C 84 -15.03 -20.16 27.90
C LYS C 84 -16.17 -20.39 26.91
N PRO C 85 -17.43 -20.42 27.38
CA PRO C 85 -18.54 -20.61 26.44
C PRO C 85 -18.59 -19.59 25.31
N GLU C 86 -18.20 -18.34 25.56
CA GLU C 86 -18.17 -17.32 24.52
C GLU C 86 -17.11 -17.56 23.47
N ASP C 87 -16.19 -18.51 23.69
CA ASP C 87 -15.25 -18.91 22.64
C ASP C 87 -15.88 -19.89 21.65
N THR C 88 -17.11 -20.34 21.90
CA THR C 88 -17.78 -21.24 20.96
C THR C 88 -17.93 -20.52 19.62
N ALA C 89 -17.45 -21.15 18.54
CA ALA C 89 -17.54 -20.56 17.22
C ALA C 89 -16.98 -21.54 16.19
N VAL C 90 -17.20 -21.19 14.92
CA VAL C 90 -16.45 -21.78 13.81
C VAL C 90 -15.17 -21.00 13.65
N TYR C 91 -14.03 -21.71 13.68
CA TYR C 91 -12.72 -21.08 13.65
C TYR C 91 -12.14 -21.25 12.25
N TYR C 92 -11.79 -20.13 11.62
CA TYR C 92 -11.34 -20.11 10.23
C TYR C 92 -9.87 -19.74 10.13
N CYS C 93 -9.11 -20.56 9.43
CA CYS C 93 -7.75 -20.27 9.09
C CYS C 93 -7.72 -19.31 7.88
N VAL C 94 -6.82 -18.32 7.89
CA VAL C 94 -6.73 -17.36 6.79
C VAL C 94 -5.28 -17.11 6.39
N ALA C 95 -5.11 -16.61 5.16
CA ALA C 95 -3.78 -16.29 4.66
C ALA C 95 -3.88 -15.07 3.75
N ASP C 96 -2.81 -14.29 3.73
CA ASP C 96 -2.71 -13.08 2.92
C ASP C 96 -1.58 -13.30 1.92
N SER C 97 -1.93 -13.49 0.65
CA SER C 97 -0.96 -13.71 -0.40
C SER C 97 -0.50 -12.42 -1.08
N SER C 98 -0.96 -11.27 -0.62
CA SER C 98 -0.69 -10.05 -1.38
C SER C 98 0.71 -9.51 -1.07
N PRO C 99 1.45 -9.03 -2.07
CA PRO C 99 2.66 -8.24 -1.80
C PRO C 99 2.38 -6.78 -1.44
N TYR C 100 1.11 -6.38 -1.39
CA TYR C 100 0.70 -5.03 -0.99
C TYR C 100 0.24 -5.06 0.48
N TYR C 101 0.10 -3.87 1.07
CA TYR C 101 -0.27 -3.80 2.49
C TYR C 101 -1.67 -4.35 2.71
N ARG C 102 -1.84 -5.09 3.79
CA ARG C 102 -3.13 -5.63 4.19
C ARG C 102 -3.23 -5.54 5.70
N ARG C 103 -4.42 -5.22 6.20
CA ARG C 103 -4.65 -5.03 7.63
C ARG C 103 -4.90 -6.37 8.32
N TYR C 104 -4.09 -6.68 9.33
CA TYR C 104 -4.10 -8.03 9.93
C TYR C 104 -5.44 -8.37 10.55
N ASP C 105 -6.24 -7.38 10.96
CA ASP C 105 -7.49 -7.67 11.67
C ASP C 105 -8.73 -7.43 10.81
N ALA C 106 -8.57 -7.28 9.51
CA ALA C 106 -9.71 -7.06 8.62
C ALA C 106 -9.95 -8.32 7.79
N ALA C 107 -11.13 -8.94 7.97
CA ALA C 107 -11.41 -10.22 7.31
C ALA C 107 -11.28 -10.11 5.79
N GLN C 108 -11.67 -8.97 5.23
CA GLN C 108 -11.67 -8.78 3.79
C GLN C 108 -10.27 -8.64 3.22
N ASP C 109 -9.26 -8.44 4.05
CA ASP C 109 -7.89 -8.31 3.57
C ASP C 109 -7.16 -9.66 3.45
N TYR C 110 -7.79 -10.76 3.84
CA TYR C 110 -7.22 -12.08 3.62
C TYR C 110 -7.88 -12.69 2.39
N ASP C 111 -7.06 -13.13 1.42
CA ASP C 111 -7.65 -13.67 0.20
C ASP C 111 -7.80 -15.18 0.23
N TYR C 112 -7.17 -15.88 1.17
CA TYR C 112 -7.35 -17.32 1.29
C TYR C 112 -8.03 -17.60 2.61
N TRP C 113 -9.08 -18.42 2.56
CA TRP C 113 -9.89 -18.79 3.71
C TRP C 113 -10.08 -20.29 3.75
N GLY C 114 -9.87 -20.88 4.91
CA GLY C 114 -10.24 -22.27 5.12
C GLY C 114 -11.76 -22.42 5.25
N GLN C 115 -12.19 -23.69 5.31
CA GLN C 115 -13.60 -23.98 5.47
C GLN C 115 -14.06 -23.87 6.91
N GLY C 116 -13.14 -23.96 7.85
CA GLY C 116 -13.54 -23.74 9.23
C GLY C 116 -13.71 -25.03 9.97
N THR C 117 -13.44 -24.97 11.27
CA THR C 117 -13.69 -26.07 12.18
C THR C 117 -14.49 -25.55 13.37
N GLN C 118 -15.46 -26.34 13.82
CA GLN C 118 -16.33 -25.95 14.92
C GLN C 118 -15.64 -26.28 16.25
N VAL C 119 -15.68 -25.31 17.16
CA VAL C 119 -15.23 -25.45 18.54
C VAL C 119 -16.41 -25.10 19.42
N THR C 120 -16.76 -25.99 20.34
CA THR C 120 -17.91 -25.77 21.22
C THR C 120 -17.42 -25.94 22.65
N VAL C 121 -17.66 -24.92 23.47
CA VAL C 121 -17.23 -24.92 24.87
C VAL C 121 -18.50 -24.89 25.72
N SER C 122 -18.84 -26.01 26.34
CA SER C 122 -20.02 -26.11 27.20
C SER C 122 -19.75 -25.54 28.60
N SER C 123 -20.80 -24.99 29.20
CA SER C 123 -20.69 -24.38 30.52
C SER C 123 -20.47 -25.43 31.61
N GLY C 124 -19.75 -25.03 32.64
CA GLY C 124 -19.52 -25.87 33.81
C GLY C 124 -20.78 -26.13 34.61
N LEU D 2 -4.34 23.78 14.84
CA LEU D 2 -2.99 23.24 14.74
C LEU D 2 -2.83 21.95 15.55
N GLU D 3 -3.49 21.87 16.72
CA GLU D 3 -3.39 20.68 17.54
C GLU D 3 -3.96 19.46 16.83
N GLU D 4 -5.09 19.63 16.16
CA GLU D 4 -5.68 18.55 15.38
C GLU D 4 -4.79 18.21 14.18
N GLU D 5 -4.19 19.21 13.54
CA GLU D 5 -3.23 18.92 12.48
C GLU D 5 -2.11 18.04 13.03
N LEU D 6 -1.59 18.39 14.21
CA LEU D 6 -0.53 17.60 14.81
C LEU D 6 -0.98 16.16 15.01
N LYS D 7 -2.17 15.97 15.60
CA LYS D 7 -2.71 14.64 15.88
C LYS D 7 -2.86 13.82 14.60
N GLN D 8 -3.39 14.45 13.55
CA GLN D 8 -3.60 13.74 12.29
C GLN D 8 -2.27 13.39 11.63
N LEU D 9 -1.30 14.30 11.71
CA LEU D 9 0.05 14.00 11.23
C LEU D 9 0.62 12.79 11.98
N GLU D 10 0.47 12.76 13.31
CA GLU D 10 0.98 11.65 14.11
C GLU D 10 0.27 10.34 13.79
N GLU D 11 -1.04 10.40 13.54
CA GLU D 11 -1.75 9.19 13.11
C GLU D 11 -1.27 8.72 11.74
N GLU D 12 -1.02 9.65 10.81
CA GLU D 12 -0.54 9.23 9.51
C GLU D 12 0.82 8.56 9.62
N LEU D 13 1.70 9.17 10.43
CA LEU D 13 3.02 8.59 10.66
C LEU D 13 2.91 7.18 11.25
N GLN D 14 1.99 6.98 12.20
CA GLN D 14 1.82 5.63 12.76
C GLN D 14 1.29 4.66 11.71
N ALA D 15 0.34 5.11 10.89
CA ALA D 15 -0.18 4.27 9.82
C ALA D 15 0.92 3.89 8.82
N ILE D 16 1.84 4.81 8.52
CA ILE D 16 2.96 4.48 7.64
C ILE D 16 3.92 3.49 8.31
N GLU D 17 4.16 3.64 9.62
CA GLU D 17 5.02 2.69 10.31
C GLU D 17 4.43 1.28 10.28
N GLU D 18 3.11 1.16 10.43
CA GLU D 18 2.48 -0.16 10.37
C GLU D 18 2.62 -0.79 8.98
N GLN D 19 2.47 0.01 7.92
CA GLN D 19 2.66 -0.50 6.56
C GLN D 19 4.11 -0.94 6.36
N LEU D 20 5.07 -0.09 6.75
CA LEU D 20 6.47 -0.44 6.59
C LEU D 20 6.82 -1.73 7.33
N ALA D 21 6.30 -1.90 8.56
CA ALA D 21 6.60 -3.12 9.32
C ALA D 21 6.18 -4.37 8.56
N GLN D 22 4.95 -4.38 8.04
CA GLN D 22 4.49 -5.59 7.35
C GLN D 22 5.22 -5.76 6.01
N LEU D 23 5.39 -4.67 5.25
CA LEU D 23 6.03 -4.80 3.94
C LEU D 23 7.48 -5.25 4.06
N GLN D 24 8.20 -4.76 5.07
CA GLN D 24 9.58 -5.21 5.26
C GLN D 24 9.64 -6.70 5.64
N TRP D 25 8.67 -7.16 6.43
CA TRP D 25 8.60 -8.59 6.72
C TRP D 25 8.28 -9.38 5.46
N LYS D 26 7.32 -8.88 4.66
CA LYS D 26 6.98 -9.53 3.39
C LYS D 26 8.16 -9.60 2.44
N ALA D 27 8.97 -8.54 2.39
CA ALA D 27 10.16 -8.53 1.53
C ALA D 27 11.22 -9.49 2.05
N GLN D 28 11.49 -9.44 3.36
CA GLN D 28 12.51 -10.33 3.91
C GLN D 28 12.14 -11.81 3.71
N ALA D 29 10.87 -12.18 3.91
CA ALA D 29 10.44 -13.56 3.70
C ALA D 29 10.62 -13.98 2.23
N ARG D 30 10.31 -13.10 1.29
CA ARG D 30 10.47 -13.39 -0.14
C ARG D 30 11.93 -13.43 -0.56
N LYS D 31 12.76 -12.54 0.00
CA LYS D 31 14.19 -12.62 -0.28
C LYS D 31 14.80 -13.94 0.22
N GLU D 32 14.37 -14.41 1.39
CA GLU D 32 14.87 -15.70 1.86
C GLU D 32 14.45 -16.84 0.94
N LYS D 33 13.18 -16.86 0.52
CA LYS D 33 12.70 -17.91 -0.37
C LYS D 33 13.40 -17.81 -1.72
N LEU D 34 13.58 -16.60 -2.20
CA LEU D 34 14.29 -16.38 -3.45
C LEU D 34 15.73 -16.89 -3.38
N ALA D 35 16.41 -16.64 -2.25
CA ALA D 35 17.78 -17.12 -2.13
C ALA D 35 17.84 -18.65 -2.20
N GLN D 36 16.88 -19.31 -1.53
CA GLN D 36 16.80 -20.77 -1.56
C GLN D 36 16.58 -21.28 -2.98
N LEU D 37 15.66 -20.64 -3.71
CA LEU D 37 15.33 -21.04 -5.07
C LEU D 37 16.49 -20.84 -6.02
N LYS D 38 17.20 -19.71 -5.92
CA LYS D 38 18.36 -19.47 -6.78
C LYS D 38 19.49 -20.47 -6.49
N GLU D 39 19.67 -20.88 -5.23
CA GLU D 39 20.67 -21.88 -4.94
C GLU D 39 20.30 -23.23 -5.55
N LYS D 40 19.02 -23.60 -5.47
CA LYS D 40 18.51 -24.82 -6.09
C LYS D 40 18.70 -24.80 -7.60
N LEU D 41 18.42 -23.68 -8.25
CA LEU D 41 18.50 -23.54 -9.70
C LEU D 41 19.95 -23.45 -10.19
#